data_2BWC
#
_entry.id   2BWC
#
_cell.length_a   55.890
_cell.length_b   67.330
_cell.length_c   131.070
_cell.angle_alpha   90.00
_cell.angle_beta   90.00
_cell.angle_gamma   90.00
#
_symmetry.space_group_name_H-M   'P 21 21 21'
#
loop_
_entity.id
_entity.type
_entity.pdbx_description
1 polymer ENDOGLUCANASE
2 branched beta-D-glucopyranose-(1-4)-beta-D-glucopyranose-(1-4)-alpha-D-glucopyranose
3 branched beta-D-glucopyranose-(1-4)-beta-D-glucopyranose-(1-4)-beta-D-glucopyranose
4 non-polymer GLYCEROL
5 non-polymer 'SULFATE ION'
6 non-polymer alpha-D-glucopyranose
7 water water
#
_entity_poly.entity_id   1
_entity_poly.type   'polypeptide(L)'
_entity_poly.pdbx_seq_one_letter_code
;MTVELCGRWDARDVAGGRYRVINNVWGAETAQCIEVGLETGNFTITRADHDNGNNVAAYPAIYFGCHWGACTSNSGLPRR
VQELSDVRTSWTLTPITTGRWNAAYDIWFSPVTNSGNGYSGGAELMIWLNWNGGVMPGGSRVATVELAGATWEVWYADWD
WNYIAYRRTTPTTSVSELDLKAFIDDAVARGYIRPEWYLHAVETGFELWEGGAGLRSADFSVTVQKL
;
_entity_poly.pdbx_strand_id   A,B
#
loop_
_chem_comp.id
_chem_comp.type
_chem_comp.name
_chem_comp.formula
BGC D-saccharide, beta linking beta-D-glucopyranose 'C6 H12 O6'
GLC D-saccharide, alpha linking alpha-D-glucopyranose 'C6 H12 O6'
GOL non-polymer GLYCEROL 'C3 H8 O3'
SO4 non-polymer 'SULFATE ION' 'O4 S -2'
#
# COMPACT_ATOMS: atom_id res chain seq x y z
N THR A 2 -7.49 -10.66 10.40
CA THR A 2 -7.96 -9.27 10.18
C THR A 2 -8.45 -9.09 8.75
N VAL A 3 -9.00 -7.93 8.45
CA VAL A 3 -9.50 -7.65 7.12
C VAL A 3 -8.99 -6.29 6.66
N GLU A 4 -8.70 -6.17 5.37
CA GLU A 4 -8.22 -4.90 4.83
C GLU A 4 -9.34 -4.14 4.13
N LEU A 5 -9.44 -2.86 4.44
CA LEU A 5 -10.45 -2.00 3.84
C LEU A 5 -9.73 -0.89 3.11
N CYS A 6 -9.91 -0.83 1.79
CA CYS A 6 -9.27 0.21 0.98
C CYS A 6 -10.30 1.11 0.32
N GLY A 7 -11.56 0.68 0.32
CA GLY A 7 -12.60 1.47 -0.28
C GLY A 7 -12.77 2.80 0.40
N ARG A 8 -13.07 3.83 -0.38
CA ARG A 8 -13.26 5.19 0.12
C ARG A 8 -14.21 5.29 1.31
N TRP A 9 -15.35 4.60 1.21
CA TRP A 9 -16.36 4.62 2.25
C TRP A 9 -16.56 3.25 2.90
N ASP A 10 -15.50 2.44 2.91
N ASP A 10 -15.53 2.40 2.87
CA ASP A 10 -15.54 1.10 3.50
CA ASP A 10 -15.66 1.08 3.45
C ASP A 10 -15.77 1.17 5.01
C ASP A 10 -15.84 1.19 4.96
N ALA A 11 -16.42 0.14 5.55
CA ALA A 11 -16.69 0.10 6.99
C ALA A 11 -16.86 -1.34 7.44
N ARG A 12 -16.76 -1.54 8.75
CA ARG A 12 -16.91 -2.84 9.37
C ARG A 12 -17.39 -2.69 10.81
N ASP A 13 -18.41 -3.44 11.19
CA ASP A 13 -18.89 -3.42 12.56
C ASP A 13 -17.86 -4.26 13.32
N VAL A 14 -17.56 -3.88 14.56
CA VAL A 14 -16.58 -4.63 15.33
C VAL A 14 -17.04 -4.76 16.78
N ALA A 15 -16.29 -5.50 17.58
CA ALA A 15 -16.63 -5.69 18.99
C ALA A 15 -18.11 -6.04 19.14
N GLY A 16 -18.54 -7.09 18.45
CA GLY A 16 -19.92 -7.52 18.53
C GLY A 16 -20.95 -6.47 18.15
N GLY A 17 -20.56 -5.54 17.29
CA GLY A 17 -21.48 -4.50 16.87
C GLY A 17 -21.47 -3.26 17.74
N ARG A 18 -20.74 -3.28 18.84
CA ARG A 18 -20.70 -2.12 19.73
C ARG A 18 -20.01 -0.92 19.07
N TYR A 19 -19.03 -1.18 18.21
CA TYR A 19 -18.31 -0.10 17.52
C TYR A 19 -18.28 -0.36 16.03
N ARG A 20 -17.81 0.62 15.27
CA ARG A 20 -17.75 0.50 13.82
C ARG A 20 -16.54 1.25 13.32
N VAL A 21 -15.76 0.59 12.46
CA VAL A 21 -14.57 1.19 11.89
C VAL A 21 -14.86 1.62 10.45
N ILE A 22 -14.43 2.83 10.11
CA ILE A 22 -14.65 3.40 8.78
C ILE A 22 -13.34 3.89 8.17
N ASN A 23 -13.11 3.54 6.91
CA ASN A 23 -11.90 3.97 6.21
C ASN A 23 -12.03 5.48 6.07
N ASN A 24 -13.25 5.91 5.75
CA ASN A 24 -13.61 7.32 5.67
C ASN A 24 -12.67 8.30 4.96
N VAL A 25 -12.39 8.05 3.68
CA VAL A 25 -11.53 8.95 2.92
C VAL A 25 -12.49 9.98 2.31
N TRP A 26 -12.97 10.89 3.16
CA TRP A 26 -13.95 11.89 2.75
C TRP A 26 -13.46 13.12 2.02
N GLY A 27 -12.16 13.42 2.08
CA GLY A 27 -11.68 14.63 1.42
C GLY A 27 -10.64 14.51 0.32
N ALA A 28 -10.45 13.31 -0.23
CA ALA A 28 -9.46 13.13 -1.28
C ALA A 28 -9.70 11.86 -2.07
N GLU A 29 -9.02 11.75 -3.21
CA GLU A 29 -9.13 10.57 -4.07
C GLU A 29 -7.91 9.68 -3.90
N THR A 30 -6.94 10.16 -3.12
CA THR A 30 -5.73 9.38 -2.90
C THR A 30 -6.03 8.10 -2.12
N ALA A 31 -5.37 7.02 -2.53
CA ALA A 31 -5.53 5.71 -1.93
C ALA A 31 -5.28 5.63 -0.43
N GLN A 32 -5.98 4.73 0.23
CA GLN A 32 -5.83 4.51 1.66
C GLN A 32 -6.44 3.17 2.07
N CYS A 33 -5.67 2.39 2.82
CA CYS A 33 -6.17 1.11 3.30
C CYS A 33 -5.88 1.01 4.81
N ILE A 34 -6.68 0.22 5.51
CA ILE A 34 -6.47 0.00 6.92
C ILE A 34 -6.74 -1.47 7.21
N GLU A 35 -5.88 -2.06 8.03
CA GLU A 35 -6.01 -3.46 8.40
C GLU A 35 -6.75 -3.45 9.73
N VAL A 36 -7.95 -4.04 9.75
CA VAL A 36 -8.81 -4.04 10.93
C VAL A 36 -9.00 -5.38 11.67
N GLY A 37 -8.88 -5.34 12.99
CA GLY A 37 -9.11 -6.51 13.81
C GLY A 37 -10.60 -6.44 14.07
N LEU A 38 -11.35 -7.47 13.68
CA LEU A 38 -12.80 -7.45 13.84
C LEU A 38 -13.37 -7.55 15.25
N GLU A 39 -12.61 -8.12 16.18
N GLU A 39 -12.61 -8.12 16.19
CA GLU A 39 -13.07 -8.27 17.56
CA GLU A 39 -13.11 -8.23 17.54
C GLU A 39 -12.82 -7.00 18.38
C GLU A 39 -12.84 -6.98 18.37
N THR A 40 -11.63 -6.44 18.25
CA THR A 40 -11.27 -5.24 19.00
C THR A 40 -11.58 -3.95 18.26
N GLY A 41 -11.53 -4.00 16.94
CA GLY A 41 -11.75 -2.80 16.15
C GLY A 41 -10.40 -2.09 15.97
N ASN A 42 -9.33 -2.71 16.48
CA ASN A 42 -7.99 -2.13 16.35
C ASN A 42 -7.63 -2.10 14.88
N PHE A 43 -6.98 -1.03 14.42
CA PHE A 43 -6.60 -0.95 13.03
C PHE A 43 -5.31 -0.16 12.82
N THR A 44 -4.59 -0.56 11.78
CA THR A 44 -3.36 0.09 11.40
C THR A 44 -3.52 0.64 9.99
N ILE A 45 -3.11 1.87 9.78
CA ILE A 45 -3.18 2.46 8.45
C ILE A 45 -2.01 1.81 7.71
N THR A 46 -2.32 0.88 6.80
CA THR A 46 -1.29 0.19 6.05
C THR A 46 -0.90 0.94 4.79
N ARG A 47 -1.76 1.83 4.32
CA ARG A 47 -1.47 2.61 3.12
C ARG A 47 -2.21 3.93 3.10
N ALA A 48 -1.48 4.99 2.79
CA ALA A 48 -2.07 6.34 2.71
C ALA A 48 -1.24 7.16 1.73
N ASP A 49 -1.75 7.33 0.52
CA ASP A 49 -1.05 8.10 -0.51
C ASP A 49 -1.39 9.59 -0.42
N HIS A 50 -2.10 9.97 0.63
CA HIS A 50 -2.52 11.36 0.79
C HIS A 50 -1.41 12.41 0.72
N ASP A 51 -1.78 13.55 0.16
CA ASP A 51 -0.91 14.71 -0.02
C ASP A 51 -1.90 15.80 -0.40
N ASN A 52 -2.82 16.08 0.52
CA ASN A 52 -3.89 17.04 0.33
C ASN A 52 -3.64 18.49 0.72
N GLY A 53 -2.39 18.85 0.98
CA GLY A 53 -2.09 20.22 1.34
C GLY A 53 -2.73 20.66 2.64
N ASN A 54 -3.37 21.83 2.63
CA ASN A 54 -4.00 22.37 3.83
C ASN A 54 -5.38 21.80 4.16
N ASN A 55 -5.87 20.89 3.32
CA ASN A 55 -7.17 20.28 3.54
C ASN A 55 -7.07 18.82 3.95
N VAL A 56 -7.91 18.41 4.90
CA VAL A 56 -7.93 17.03 5.37
C VAL A 56 -8.32 16.10 4.22
N ALA A 57 -7.57 15.02 4.06
CA ALA A 57 -7.82 14.04 3.02
C ALA A 57 -8.71 12.91 3.50
N ALA A 58 -8.60 12.56 4.78
CA ALA A 58 -9.41 11.48 5.32
C ALA A 58 -9.37 11.42 6.83
N TYR A 59 -10.24 10.59 7.40
CA TYR A 59 -10.30 10.40 8.84
C TYR A 59 -10.65 8.95 9.16
N PRO A 60 -9.70 8.02 8.90
CA PRO A 60 -10.03 6.63 9.23
C PRO A 60 -10.32 6.65 10.72
N ALA A 61 -11.38 5.97 11.14
CA ALA A 61 -11.73 5.99 12.55
C ALA A 61 -12.58 4.84 13.03
N ILE A 62 -12.79 4.81 14.34
CA ILE A 62 -13.65 3.82 14.97
C ILE A 62 -14.59 4.68 15.81
N TYR A 63 -15.87 4.33 15.85
CA TYR A 63 -16.81 5.13 16.61
C TYR A 63 -17.88 4.34 17.35
N PHE A 64 -18.53 5.03 18.28
CA PHE A 64 -19.61 4.50 19.11
C PHE A 64 -20.78 5.45 18.88
N GLY A 65 -21.93 4.91 18.49
CA GLY A 65 -23.06 5.78 18.26
C GLY A 65 -23.44 5.90 16.80
N CYS A 66 -23.94 7.07 16.41
CA CYS A 66 -24.40 7.30 15.06
C CYS A 66 -23.61 8.29 14.21
N HIS A 67 -22.97 7.77 13.16
CA HIS A 67 -22.18 8.60 12.23
C HIS A 67 -22.99 8.75 10.95
N TRP A 68 -23.54 9.94 10.73
CA TRP A 68 -24.33 10.21 9.53
C TRP A 68 -25.43 9.17 9.29
N GLY A 69 -26.17 8.84 10.34
CA GLY A 69 -27.25 7.89 10.20
C GLY A 69 -26.92 6.43 10.49
N ALA A 70 -25.67 6.04 10.24
CA ALA A 70 -25.25 4.66 10.49
C ALA A 70 -24.88 4.53 11.95
N CYS A 71 -25.74 3.86 12.72
CA CYS A 71 -25.51 3.70 14.15
C CYS A 71 -24.95 2.33 14.52
N THR A 72 -24.15 2.29 15.58
CA THR A 72 -23.60 1.04 16.07
C THR A 72 -24.75 0.37 16.84
N SER A 73 -24.51 -0.82 17.39
CA SER A 73 -25.57 -1.53 18.12
C SER A 73 -25.79 -1.13 19.56
N ASN A 74 -27.06 -0.86 19.89
N ASN A 74 -27.05 -0.86 19.90
CA ASN A 74 -27.45 -0.46 21.24
CA ASN A 74 -27.42 -0.49 21.27
C ASN A 74 -26.45 0.47 21.93
C ASN A 74 -26.43 0.46 21.93
N SER A 75 -26.16 1.60 21.28
CA SER A 75 -25.23 2.58 21.81
C SER A 75 -25.93 3.44 22.85
N GLY A 76 -27.26 3.49 22.78
CA GLY A 76 -28.02 4.31 23.69
C GLY A 76 -27.98 5.76 23.23
N LEU A 77 -27.44 5.97 22.04
CA LEU A 77 -27.36 7.31 21.47
C LEU A 77 -28.27 7.34 20.24
N PRO A 78 -28.70 8.54 19.83
CA PRO A 78 -28.35 9.83 20.43
C PRO A 78 -29.04 10.08 21.77
N ARG A 79 -28.44 10.93 22.60
CA ARG A 79 -29.01 11.26 23.89
C ARG A 79 -28.67 12.69 24.24
N ARG A 80 -29.66 13.40 24.79
CA ARG A 80 -29.48 14.80 25.18
C ARG A 80 -28.35 15.03 26.17
N VAL A 81 -27.52 16.01 25.88
CA VAL A 81 -26.39 16.36 26.74
C VAL A 81 -26.84 16.50 28.20
N GLN A 82 -27.93 17.23 28.43
CA GLN A 82 -28.47 17.43 29.77
C GLN A 82 -28.97 16.15 30.43
N GLU A 83 -29.04 15.07 29.66
N GLU A 83 -29.03 15.08 29.65
CA GLU A 83 -29.50 13.79 30.18
CA GLU A 83 -29.50 13.79 30.15
C GLU A 83 -28.34 12.81 30.35
C GLU A 83 -28.34 12.81 30.32
N LEU A 84 -27.12 13.33 30.25
CA LEU A 84 -25.92 12.51 30.40
C LEU A 84 -25.31 12.76 31.77
N SER A 85 -24.90 11.68 32.45
CA SER A 85 -24.30 11.82 33.78
C SER A 85 -22.83 11.42 33.76
N ASP A 86 -22.43 10.68 32.72
CA ASP A 86 -21.05 10.23 32.61
C ASP A 86 -20.77 9.73 31.20
N VAL A 87 -19.62 10.11 30.66
CA VAL A 87 -19.21 9.70 29.33
C VAL A 87 -17.72 9.43 29.41
N ARG A 88 -17.33 8.19 29.16
CA ARG A 88 -15.92 7.80 29.26
C ARG A 88 -15.40 7.14 27.99
N THR A 89 -14.10 7.16 27.84
CA THR A 89 -13.47 6.52 26.70
C THR A 89 -12.02 6.16 27.01
N SER A 90 -11.53 5.14 26.32
CA SER A 90 -10.16 4.68 26.46
C SER A 90 -9.62 4.47 25.05
N TRP A 91 -8.32 4.63 24.87
CA TRP A 91 -7.72 4.48 23.54
C TRP A 91 -6.19 4.44 23.62
N THR A 92 -5.57 3.68 22.72
CA THR A 92 -4.12 3.61 22.66
C THR A 92 -3.72 3.81 21.19
N LEU A 93 -2.92 4.84 20.95
CA LEU A 93 -2.50 5.16 19.58
C LEU A 93 -0.99 4.95 19.40
N THR A 94 -0.60 4.61 18.17
CA THR A 94 0.80 4.42 17.84
C THR A 94 1.14 5.51 16.84
N PRO A 95 1.92 6.52 17.26
CA PRO A 95 2.31 7.62 16.39
C PRO A 95 3.41 7.21 15.41
N ILE A 96 3.66 8.06 14.41
CA ILE A 96 4.72 7.82 13.43
C ILE A 96 5.52 9.12 13.41
N THR A 97 6.66 9.13 12.74
CA THR A 97 7.50 10.33 12.72
C THR A 97 7.44 11.12 11.41
N THR A 98 6.63 10.66 10.47
CA THR A 98 6.49 11.35 9.19
C THR A 98 5.05 11.72 8.89
N GLY A 99 4.86 12.46 7.80
CA GLY A 99 3.54 12.88 7.38
C GLY A 99 2.96 14.02 8.19
N ARG A 100 1.78 14.47 7.79
CA ARG A 100 1.08 15.53 8.48
C ARG A 100 -0.28 14.96 8.85
N TRP A 101 -0.50 14.76 10.15
CA TRP A 101 -1.72 14.16 10.67
C TRP A 101 -1.87 14.44 12.15
N ASN A 102 -3.00 13.98 12.71
CA ASN A 102 -3.24 14.10 14.13
C ASN A 102 -3.91 12.81 14.59
N ALA A 103 -3.90 12.58 15.90
CA ALA A 103 -4.56 11.42 16.49
C ALA A 103 -5.56 12.12 17.40
N ALA A 104 -6.84 12.01 17.12
CA ALA A 104 -7.80 12.73 17.92
C ALA A 104 -9.23 12.23 17.90
N TYR A 105 -9.96 12.56 18.96
CA TYR A 105 -11.36 12.21 19.05
C TYR A 105 -12.15 13.21 18.21
N ASP A 106 -13.30 12.76 17.70
CA ASP A 106 -14.21 13.59 16.92
C ASP A 106 -15.58 13.19 17.49
N ILE A 107 -16.24 14.14 18.16
CA ILE A 107 -17.52 13.88 18.81
C ILE A 107 -18.61 14.81 18.28
N TRP A 108 -19.66 14.22 17.70
CA TRP A 108 -20.73 15.00 17.10
C TRP A 108 -21.99 15.27 17.90
N PHE A 109 -22.50 16.49 17.78
CA PHE A 109 -23.70 16.94 18.47
C PHE A 109 -24.59 17.69 17.49
N SER A 110 -25.90 17.66 17.73
CA SER A 110 -26.85 18.39 16.90
C SER A 110 -28.20 18.51 17.64
N PRO A 111 -29.03 19.49 17.27
CA PRO A 111 -30.34 19.70 17.90
C PRO A 111 -31.36 18.58 17.67
N VAL A 112 -31.21 17.85 16.57
CA VAL A 112 -32.16 16.78 16.23
C VAL A 112 -31.59 15.37 16.37
N THR A 113 -32.47 14.38 16.45
CA THR A 113 -32.07 13.00 16.60
C THR A 113 -31.63 12.33 15.29
N ASN A 114 -32.06 12.91 14.17
CA ASN A 114 -31.70 12.35 12.86
C ASN A 114 -30.35 12.92 12.42
N SER A 115 -29.39 12.05 12.12
CA SER A 115 -28.07 12.50 11.70
C SER A 115 -27.77 12.11 10.26
N GLY A 116 -28.79 11.60 9.57
CA GLY A 116 -28.63 11.17 8.20
C GLY A 116 -28.01 12.20 7.28
N ASN A 117 -28.24 13.48 7.57
N ASN A 117 -28.22 13.49 7.56
CA ASN A 117 -27.70 14.55 6.75
CA ASN A 117 -27.65 14.53 6.70
C ASN A 117 -26.66 15.40 7.47
C ASN A 117 -26.60 15.37 7.42
N GLY A 118 -26.01 14.82 8.47
CA GLY A 118 -24.98 15.55 9.19
C GLY A 118 -25.40 16.17 10.51
N TYR A 119 -24.64 17.18 10.93
CA TYR A 119 -24.89 17.84 12.19
C TYR A 119 -24.93 19.36 12.10
N SER A 120 -25.52 19.85 11.01
CA SER A 120 -25.65 21.28 10.80
C SER A 120 -26.34 21.91 12.01
N GLY A 121 -25.81 23.02 12.49
CA GLY A 121 -26.42 23.68 13.64
C GLY A 121 -26.08 22.98 14.95
N GLY A 122 -25.19 22.00 14.88
CA GLY A 122 -24.80 21.29 16.08
C GLY A 122 -23.41 21.71 16.51
N ALA A 123 -22.62 20.73 16.91
CA ALA A 123 -21.26 21.00 17.34
C ALA A 123 -20.38 19.79 17.05
N GLU A 124 -19.09 20.06 16.91
CA GLU A 124 -18.09 19.03 16.67
C GLU A 124 -17.02 19.28 17.71
N LEU A 125 -16.88 18.34 18.64
CA LEU A 125 -15.89 18.47 19.70
C LEU A 125 -14.74 17.49 19.44
N MET A 126 -13.55 18.05 19.23
CA MET A 126 -12.36 17.25 18.98
C MET A 126 -11.40 17.28 20.15
N ILE A 127 -10.67 16.19 20.34
CA ILE A 127 -9.68 16.12 21.40
C ILE A 127 -8.42 15.56 20.77
N TRP A 128 -7.45 16.44 20.56
CA TRP A 128 -6.17 16.10 19.96
C TRP A 128 -5.18 15.55 20.98
N LEU A 129 -4.72 14.31 20.77
CA LEU A 129 -3.78 13.68 21.70
C LEU A 129 -2.37 13.59 21.14
N ASN A 130 -2.25 13.55 19.82
CA ASN A 130 -0.95 13.48 19.16
C ASN A 130 -1.06 14.01 17.74
N TRP A 131 0.07 14.33 17.13
CA TRP A 131 0.09 14.90 15.79
C TRP A 131 1.51 14.98 15.24
N ASN A 132 1.64 15.45 14.01
CA ASN A 132 2.95 15.60 13.38
C ASN A 132 2.83 16.39 12.08
N GLY A 133 3.90 17.08 11.72
CA GLY A 133 3.89 17.84 10.48
C GLY A 133 3.43 19.28 10.60
N GLY A 134 3.28 19.75 11.84
CA GLY A 134 2.85 21.11 12.06
C GLY A 134 1.36 21.39 11.91
N VAL A 135 0.56 20.34 11.72
CA VAL A 135 -0.88 20.54 11.58
C VAL A 135 -1.44 21.28 12.79
N MET A 136 -2.50 22.05 12.56
CA MET A 136 -3.15 22.82 13.62
C MET A 136 -4.67 22.68 13.57
N PRO A 137 -5.34 22.93 14.69
CA PRO A 137 -6.81 22.82 14.74
C PRO A 137 -7.44 23.91 13.89
N GLY A 138 -8.76 23.85 13.75
CA GLY A 138 -9.45 24.87 12.99
C GLY A 138 -9.77 26.03 13.90
N GLY A 139 -10.12 27.17 13.31
CA GLY A 139 -10.45 28.35 14.09
C GLY A 139 -9.24 28.93 14.79
N SER A 140 -9.45 29.42 16.00
CA SER A 140 -8.37 30.00 16.78
C SER A 140 -8.47 29.59 18.24
N ARG A 141 -7.33 29.63 18.93
CA ARG A 141 -7.24 29.27 20.34
C ARG A 141 -7.87 30.39 21.17
N VAL A 142 -8.88 30.04 21.96
CA VAL A 142 -9.58 31.01 22.78
C VAL A 142 -9.26 30.87 24.26
N ALA A 143 -8.55 29.79 24.61
CA ALA A 143 -8.20 29.56 26.00
C ALA A 143 -7.35 28.32 26.16
N THR A 144 -6.93 28.07 27.41
CA THR A 144 -6.15 26.89 27.79
C THR A 144 -6.73 26.53 29.15
N VAL A 145 -7.26 25.32 29.26
CA VAL A 145 -7.89 24.91 30.50
C VAL A 145 -7.49 23.53 30.98
N GLU A 146 -7.58 23.34 32.29
N GLU A 146 -7.59 23.33 32.28
CA GLU A 146 -7.24 22.06 32.90
CA GLU A 146 -7.25 22.07 32.92
C GLU A 146 -8.50 21.21 32.97
C GLU A 146 -8.52 21.20 32.98
N LEU A 147 -8.50 20.09 32.24
CA LEU A 147 -9.66 19.19 32.21
C LEU A 147 -9.26 17.73 32.22
N ALA A 148 -10.09 16.92 32.88
CA ALA A 148 -9.91 15.48 32.93
C ALA A 148 -8.50 14.98 33.20
N GLY A 149 -7.75 15.70 34.02
CA GLY A 149 -6.41 15.26 34.35
C GLY A 149 -5.28 15.80 33.49
N ALA A 150 -5.61 16.66 32.52
CA ALA A 150 -4.58 17.24 31.66
C ALA A 150 -4.89 18.68 31.34
N THR A 151 -4.01 19.32 30.58
CA THR A 151 -4.18 20.71 30.20
C THR A 151 -4.39 20.79 28.70
N TRP A 152 -5.42 21.54 28.29
CA TRP A 152 -5.74 21.63 26.88
C TRP A 152 -5.93 23.02 26.32
N GLU A 153 -5.46 23.20 25.09
CA GLU A 153 -5.62 24.44 24.36
C GLU A 153 -7.03 24.32 23.79
N VAL A 154 -7.84 25.36 23.95
CA VAL A 154 -9.21 25.33 23.44
C VAL A 154 -9.31 26.12 22.15
N TRP A 155 -9.56 25.43 21.05
CA TRP A 155 -9.70 26.06 19.75
C TRP A 155 -11.17 26.09 19.37
N TYR A 156 -11.63 27.23 18.84
CA TYR A 156 -13.02 27.37 18.44
C TYR A 156 -13.18 27.97 17.06
N ALA A 157 -14.16 27.48 16.32
CA ALA A 157 -14.46 27.97 14.99
C ALA A 157 -15.98 27.92 14.81
N ASP A 158 -16.56 29.04 14.41
CA ASP A 158 -18.01 29.13 14.23
C ASP A 158 -18.40 28.88 12.78
N TRP A 159 -18.51 27.61 12.41
CA TRP A 159 -18.91 27.23 11.06
C TRP A 159 -20.37 26.85 11.05
N ASP A 160 -20.77 26.04 10.08
N ASP A 160 -20.78 26.04 10.08
CA ASP A 160 -22.15 25.58 9.97
CA ASP A 160 -22.18 25.61 9.99
C ASP A 160 -22.58 24.95 11.29
C ASP A 160 -22.58 25.00 11.33
N TRP A 161 -21.58 24.55 12.08
CA TRP A 161 -21.78 23.95 13.39
C TRP A 161 -20.60 24.44 14.23
N ASN A 162 -20.73 24.42 15.55
CA ASN A 162 -19.64 24.87 16.40
C ASN A 162 -18.51 23.86 16.43
N TYR A 163 -17.32 24.32 16.05
CA TYR A 163 -16.15 23.46 16.05
C TYR A 163 -15.32 23.80 17.27
N ILE A 164 -15.18 22.84 18.17
CA ILE A 164 -14.39 23.03 19.37
C ILE A 164 -13.36 21.91 19.46
N ALA A 165 -12.08 22.30 19.43
CA ALA A 165 -11.00 21.33 19.51
C ALA A 165 -10.14 21.55 20.75
N TYR A 166 -9.93 20.49 21.52
CA TYR A 166 -9.09 20.56 22.70
C TYR A 166 -7.76 19.89 22.34
N ARG A 167 -6.69 20.69 22.36
CA ARG A 167 -5.37 20.19 22.02
C ARG A 167 -4.51 20.12 23.26
N ARG A 168 -4.12 18.89 23.62
CA ARG A 168 -3.30 18.64 24.80
C ARG A 168 -2.02 19.48 24.71
N THR A 169 -1.63 20.10 25.82
CA THR A 169 -0.44 20.94 25.81
C THR A 169 0.83 20.14 25.49
N THR A 170 0.78 18.84 25.73
CA THR A 170 1.88 17.95 25.40
C THR A 170 1.23 16.68 24.89
N PRO A 171 1.81 16.08 23.85
CA PRO A 171 1.27 14.85 23.26
C PRO A 171 1.33 13.64 24.19
N THR A 172 0.43 12.69 23.96
CA THR A 172 0.35 11.46 24.73
C THR A 172 0.00 10.35 23.75
N THR A 173 0.15 9.10 24.18
CA THR A 173 -0.16 7.98 23.29
C THR A 173 -1.35 7.17 23.75
N SER A 174 -1.97 7.56 24.87
CA SER A 174 -3.13 6.84 25.35
C SER A 174 -3.86 7.53 26.49
N VAL A 175 -5.13 7.15 26.64
CA VAL A 175 -5.96 7.65 27.72
C VAL A 175 -6.73 6.45 28.21
N SER A 176 -6.97 6.39 29.51
CA SER A 176 -7.72 5.30 30.11
C SER A 176 -8.87 5.95 30.85
N GLU A 177 -10.09 5.65 30.42
CA GLU A 177 -11.26 6.20 31.06
C GLU A 177 -11.21 7.72 31.16
N LEU A 178 -10.93 8.36 30.03
CA LEU A 178 -10.87 9.81 29.95
C LEU A 178 -12.28 10.33 30.21
N ASP A 179 -12.38 11.33 31.08
CA ASP A 179 -13.68 11.91 31.40
C ASP A 179 -14.17 12.85 30.30
N LEU A 180 -14.82 12.28 29.30
CA LEU A 180 -15.35 13.05 28.16
C LEU A 180 -16.45 14.04 28.59
N LYS A 181 -17.16 13.72 29.65
CA LYS A 181 -18.22 14.63 30.11
C LYS A 181 -17.58 15.95 30.53
N ALA A 182 -16.33 15.90 31.01
CA ALA A 182 -15.63 17.10 31.45
C ALA A 182 -15.44 18.08 30.29
N PHE A 183 -15.09 17.54 29.11
CA PHE A 183 -14.91 18.39 27.94
C PHE A 183 -16.26 18.91 27.48
N ILE A 184 -17.26 18.05 27.56
CA ILE A 184 -18.61 18.44 27.15
C ILE A 184 -19.14 19.58 28.03
N ASP A 185 -18.95 19.48 29.34
CA ASP A 185 -19.43 20.52 30.25
C ASP A 185 -18.73 21.84 29.99
N ASP A 186 -17.43 21.76 29.67
CA ASP A 186 -16.64 22.95 29.40
C ASP A 186 -17.15 23.68 28.17
N ALA A 187 -17.47 22.92 27.12
CA ALA A 187 -17.98 23.49 25.87
C ALA A 187 -19.36 24.08 26.09
N VAL A 188 -20.11 23.50 27.01
CA VAL A 188 -21.43 24.02 27.31
C VAL A 188 -21.29 25.35 28.06
N ALA A 189 -20.36 25.41 29.00
CA ALA A 189 -20.13 26.63 29.77
C ALA A 189 -19.69 27.78 28.86
N ARG A 190 -18.98 27.44 27.78
CA ARG A 190 -18.52 28.43 26.82
C ARG A 190 -19.62 28.79 25.83
N GLY A 191 -20.75 28.09 25.92
CA GLY A 191 -21.87 28.36 25.03
C GLY A 191 -21.64 27.82 23.62
N TYR A 192 -20.79 26.81 23.53
CA TYR A 192 -20.48 26.22 22.23
C TYR A 192 -21.36 24.99 21.99
N ILE A 193 -21.98 24.50 23.05
CA ILE A 193 -22.86 23.34 22.96
C ILE A 193 -24.02 23.58 23.89
N ARG A 194 -25.24 23.43 23.37
CA ARG A 194 -26.43 23.62 24.19
C ARG A 194 -26.82 22.32 24.87
N PRO A 195 -27.24 22.40 26.14
CA PRO A 195 -27.66 21.24 26.92
C PRO A 195 -28.78 20.42 26.26
N GLU A 196 -29.62 21.10 25.49
CA GLU A 196 -30.73 20.45 24.82
C GLU A 196 -30.28 19.62 23.63
N TRP A 197 -29.10 19.93 23.10
CA TRP A 197 -28.58 19.20 21.94
C TRP A 197 -28.29 17.74 22.27
N TYR A 198 -28.21 16.94 21.21
CA TYR A 198 -27.95 15.51 21.35
C TYR A 198 -26.51 15.10 21.05
N LEU A 199 -26.02 14.13 21.81
CA LEU A 199 -24.70 13.57 21.60
C LEU A 199 -25.02 12.45 20.62
N HIS A 200 -24.42 12.49 19.43
CA HIS A 200 -24.68 11.47 18.43
C HIS A 200 -23.64 10.37 18.35
N ALA A 201 -22.36 10.74 18.43
CA ALA A 201 -21.32 9.73 18.34
C ALA A 201 -20.01 10.18 18.94
N VAL A 202 -19.25 9.20 19.41
CA VAL A 202 -17.94 9.43 19.97
C VAL A 202 -17.02 8.63 19.07
N GLU A 203 -16.11 9.33 18.37
CA GLU A 203 -15.20 8.65 17.49
C GLU A 203 -13.77 9.11 17.74
N THR A 204 -12.82 8.29 17.32
CA THR A 204 -11.42 8.65 17.44
C THR A 204 -10.73 8.01 16.25
N GLY A 205 -9.65 8.65 15.79
CA GLY A 205 -8.93 8.13 14.65
C GLY A 205 -7.82 9.10 14.28
N PHE A 206 -7.53 9.19 12.99
CA PHE A 206 -6.47 10.08 12.54
C PHE A 206 -6.85 10.96 11.36
N GLU A 207 -6.79 12.28 11.56
CA GLU A 207 -7.09 13.20 10.49
C GLU A 207 -5.79 13.23 9.68
N LEU A 208 -5.89 12.82 8.43
CA LEU A 208 -4.72 12.76 7.56
C LEU A 208 -4.68 13.84 6.49
N TRP A 209 -3.58 14.59 6.46
CA TRP A 209 -3.39 15.64 5.44
C TRP A 209 -2.41 15.07 4.44
N GLU A 210 -1.30 14.51 4.95
CA GLU A 210 -0.27 13.92 4.11
C GLU A 210 0.29 12.66 4.74
N GLY A 211 0.26 11.56 3.98
CA GLY A 211 0.79 10.30 4.49
C GLY A 211 -0.07 9.67 5.56
N GLY A 212 0.57 9.08 6.56
CA GLY A 212 -0.17 8.47 7.66
C GLY A 212 0.05 6.97 7.84
N ALA A 213 0.64 6.31 6.86
CA ALA A 213 0.88 4.87 6.98
C ALA A 213 1.71 4.56 8.22
N GLY A 214 1.28 3.56 8.99
CA GLY A 214 2.00 3.20 10.20
C GLY A 214 1.23 3.55 11.47
N LEU A 215 0.35 4.53 11.38
CA LEU A 215 -0.45 4.93 12.55
C LEU A 215 -1.34 3.76 12.95
N ARG A 216 -1.54 3.58 14.25
CA ARG A 216 -2.40 2.49 14.72
C ARG A 216 -3.35 2.91 15.83
N SER A 217 -4.59 2.44 15.73
CA SER A 217 -5.63 2.72 16.70
C SER A 217 -5.92 1.41 17.44
N ALA A 218 -5.94 1.44 18.77
CA ALA A 218 -6.19 0.22 19.53
C ALA A 218 -6.89 0.47 20.87
N ASP A 219 -7.34 -0.61 21.48
CA ASP A 219 -7.99 -0.57 22.79
C ASP A 219 -9.14 0.44 22.94
N PHE A 220 -9.88 0.65 21.85
CA PHE A 220 -10.98 1.60 21.89
C PHE A 220 -12.12 1.14 22.82
N SER A 221 -12.66 2.11 23.55
CA SER A 221 -13.76 1.85 24.45
C SER A 221 -14.52 3.16 24.70
N VAL A 222 -15.84 3.06 24.76
CA VAL A 222 -16.68 4.20 25.04
C VAL A 222 -17.90 3.73 25.82
N THR A 223 -18.24 4.44 26.89
CA THR A 223 -19.42 4.11 27.68
C THR A 223 -20.15 5.42 27.96
N VAL A 224 -21.47 5.33 28.02
CA VAL A 224 -22.31 6.49 28.27
C VAL A 224 -23.31 6.10 29.34
N GLN A 225 -23.43 6.92 30.37
N GLN A 225 -23.43 6.92 30.37
CA GLN A 225 -24.37 6.68 31.45
CA GLN A 225 -24.37 6.66 31.45
C GLN A 225 -25.37 7.83 31.49
C GLN A 225 -25.37 7.82 31.50
N LYS A 226 -26.65 7.49 31.38
CA LYS A 226 -27.70 8.51 31.41
C LYS A 226 -28.05 8.88 32.85
N LEU A 227 -28.72 10.01 33.05
CA LEU A 227 -29.11 10.44 34.39
C LEU A 227 -30.13 9.49 35.01
N THR B 2 -5.33 2.80 -15.84
CA THR B 2 -4.44 1.74 -15.27
C THR B 2 -5.19 0.95 -14.20
N VAL B 3 -4.69 -0.24 -13.89
CA VAL B 3 -5.28 -1.11 -12.88
C VAL B 3 -4.18 -1.52 -11.92
N GLU B 4 -4.51 -1.60 -10.63
CA GLU B 4 -3.51 -1.98 -9.64
C GLU B 4 -3.64 -3.45 -9.27
N LEU B 5 -2.50 -4.11 -9.15
CA LEU B 5 -2.47 -5.52 -8.80
C LEU B 5 -1.71 -5.70 -7.50
N CYS B 6 -2.40 -6.20 -6.48
CA CYS B 6 -1.77 -6.41 -5.18
C CYS B 6 -1.69 -7.90 -4.85
N GLY B 7 -2.54 -8.68 -5.52
CA GLY B 7 -2.53 -10.11 -5.31
C GLY B 7 -1.14 -10.67 -5.50
N ARG B 8 -0.82 -11.73 -4.76
N ARG B 8 -0.83 -11.74 -4.75
CA ARG B 8 0.49 -12.36 -4.84
CA ARG B 8 0.48 -12.37 -4.84
C ARG B 8 0.71 -13.01 -6.21
C ARG B 8 0.71 -13.02 -6.20
N TRP B 9 -0.36 -13.53 -6.79
CA TRP B 9 -0.28 -14.17 -8.10
C TRP B 9 -1.12 -13.41 -9.12
N ASP B 10 -1.27 -12.11 -8.91
CA ASP B 10 -2.06 -11.28 -9.83
C ASP B 10 -1.34 -11.12 -11.16
N ALA B 11 -2.11 -10.95 -12.22
CA ALA B 11 -1.54 -10.78 -13.55
C ALA B 11 -2.55 -10.18 -14.51
N ARG B 12 -2.05 -9.53 -15.55
N ARG B 12 -2.05 -9.53 -15.55
CA ARG B 12 -2.91 -8.92 -16.55
CA ARG B 12 -2.89 -8.90 -16.56
C ARG B 12 -2.32 -9.08 -17.95
C ARG B 12 -2.31 -9.07 -17.95
N ASP B 13 -3.16 -9.47 -18.90
CA ASP B 13 -2.73 -9.64 -20.27
C ASP B 13 -2.72 -8.20 -20.77
N VAL B 14 -1.63 -7.80 -21.41
CA VAL B 14 -1.53 -6.44 -21.89
C VAL B 14 -1.14 -6.37 -23.37
N ALA B 15 -1.12 -5.15 -23.90
CA ALA B 15 -0.76 -4.93 -25.30
C ALA B 15 -1.51 -5.89 -26.22
N GLY B 16 -2.84 -5.85 -26.14
CA GLY B 16 -3.66 -6.71 -26.97
C GLY B 16 -3.40 -8.19 -26.74
N GLY B 17 -2.73 -8.51 -25.64
CA GLY B 17 -2.42 -9.90 -25.34
C GLY B 17 -1.03 -10.35 -25.74
N ARG B 18 -0.27 -9.48 -26.40
CA ARG B 18 1.08 -9.85 -26.83
C ARG B 18 2.00 -10.08 -25.63
N TYR B 19 1.78 -9.34 -24.55
CA TYR B 19 2.59 -9.48 -23.35
C TYR B 19 1.70 -9.73 -22.14
N ARG B 20 2.31 -10.09 -21.02
CA ARG B 20 1.55 -10.35 -19.81
C ARG B 20 2.35 -9.84 -18.61
N VAL B 21 1.66 -9.16 -17.69
CA VAL B 21 2.30 -8.63 -16.50
C VAL B 21 1.87 -9.43 -15.29
N ILE B 22 2.84 -9.73 -14.43
CA ILE B 22 2.62 -10.52 -13.22
C ILE B 22 3.20 -9.87 -11.96
N ASN B 23 2.41 -9.83 -10.90
CA ASN B 23 2.87 -9.24 -9.62
C ASN B 23 3.96 -10.19 -9.13
N ASN B 24 3.73 -11.48 -9.34
CA ASN B 24 4.67 -12.54 -9.03
C ASN B 24 5.45 -12.44 -7.71
N VAL B 25 4.74 -12.44 -6.58
CA VAL B 25 5.41 -12.36 -5.28
C VAL B 25 5.65 -13.80 -4.79
N TRP B 26 6.54 -14.49 -5.49
CA TRP B 26 6.85 -15.89 -5.20
C TRP B 26 7.80 -16.09 -4.01
N GLY B 27 8.52 -15.04 -3.62
CA GLY B 27 9.48 -15.18 -2.54
C GLY B 27 8.98 -15.06 -1.11
N ALA B 28 8.10 -14.10 -0.84
CA ALA B 28 7.61 -13.90 0.52
C ALA B 28 6.10 -13.74 0.64
N GLU B 29 5.66 -13.37 1.84
N GLU B 29 5.67 -13.37 1.84
CA GLU B 29 4.24 -13.17 2.11
CA GLU B 29 4.25 -13.18 2.13
C GLU B 29 3.95 -11.68 2.25
C GLU B 29 3.95 -11.69 2.28
N THR B 30 5.01 -10.88 2.27
CA THR B 30 4.88 -9.44 2.39
C THR B 30 4.01 -8.85 1.27
N ALA B 31 3.46 -7.67 1.51
CA ALA B 31 2.60 -7.01 0.55
C ALA B 31 3.33 -6.37 -0.63
N GLN B 32 2.67 -6.36 -1.79
CA GLN B 32 3.24 -5.77 -3.01
C GLN B 32 2.15 -5.49 -4.03
N CYS B 33 2.14 -4.27 -4.54
CA CYS B 33 1.17 -3.87 -5.55
C CYS B 33 1.93 -3.20 -6.69
N ILE B 34 1.36 -3.28 -7.89
CA ILE B 34 1.96 -2.63 -9.04
C ILE B 34 0.83 -1.96 -9.80
N GLU B 35 1.08 -0.76 -10.30
CA GLU B 35 0.08 -0.03 -11.07
C GLU B 35 0.40 -0.35 -12.53
N VAL B 36 -0.53 -0.99 -13.22
CA VAL B 36 -0.29 -1.41 -14.61
C VAL B 36 -1.10 -0.74 -15.73
N GLY B 37 -0.39 -0.27 -16.74
CA GLY B 37 -1.04 0.33 -17.91
C GLY B 37 -1.34 -0.86 -18.81
N LEU B 38 -2.62 -1.09 -19.09
CA LEU B 38 -3.02 -2.24 -19.90
C LEU B 38 -2.65 -2.24 -21.39
N GLU B 39 -2.45 -1.06 -21.99
CA GLU B 39 -2.11 -1.00 -23.40
C GLU B 39 -0.64 -1.29 -23.68
N THR B 40 0.22 -0.72 -22.86
CA THR B 40 1.67 -0.87 -23.00
C THR B 40 2.23 -1.95 -22.08
N GLY B 41 1.59 -2.12 -20.93
CA GLY B 41 2.06 -3.08 -19.96
C GLY B 41 3.06 -2.44 -19.03
N ASN B 42 3.21 -1.11 -19.13
CA ASN B 42 4.15 -0.41 -18.24
C ASN B 42 3.57 -0.49 -16.83
N PHE B 43 4.45 -0.60 -15.83
CA PHE B 43 3.97 -0.68 -14.47
C PHE B 43 4.95 -0.08 -13.48
N THR B 44 4.42 0.47 -12.40
CA THR B 44 5.25 1.04 -11.35
C THR B 44 4.95 0.28 -10.08
N ILE B 45 5.98 0.01 -9.29
CA ILE B 45 5.77 -0.69 -8.04
C ILE B 45 5.36 0.35 -7.01
N THR B 46 4.06 0.48 -6.80
CA THR B 46 3.51 1.44 -5.86
C THR B 46 3.66 1.03 -4.39
N ARG B 47 3.75 -0.27 -4.14
CA ARG B 47 3.91 -0.76 -2.78
C ARG B 47 4.72 -2.05 -2.74
N ALA B 48 5.69 -2.09 -1.84
CA ALA B 48 6.55 -3.27 -1.68
C ALA B 48 7.13 -3.28 -0.26
N ASP B 49 6.62 -4.19 0.57
CA ASP B 49 7.07 -4.31 1.97
C ASP B 49 7.95 -5.54 2.21
N HIS B 50 8.87 -5.83 1.29
CA HIS B 50 9.75 -7.00 1.40
C HIS B 50 10.96 -6.77 2.31
N ASP B 51 11.34 -7.79 3.08
CA ASP B 51 12.45 -7.65 4.02
C ASP B 51 13.36 -8.87 4.19
N ASN B 52 12.98 -10.01 3.62
CA ASN B 52 13.77 -11.23 3.79
C ASN B 52 15.29 -11.16 3.65
N GLY B 53 15.80 -10.41 2.67
CA GLY B 53 17.23 -10.33 2.50
C GLY B 53 17.87 -11.66 2.13
N ASN B 54 18.86 -11.60 1.24
CA ASN B 54 19.58 -12.78 0.75
C ASN B 54 18.69 -13.66 -0.13
N ASN B 55 17.40 -13.65 0.15
CA ASN B 55 16.43 -14.42 -0.62
C ASN B 55 15.45 -13.47 -1.29
N VAL B 56 15.12 -13.75 -2.55
CA VAL B 56 14.21 -12.92 -3.33
C VAL B 56 12.77 -13.06 -2.84
N ALA B 57 12.12 -11.92 -2.63
CA ALA B 57 10.74 -11.90 -2.18
C ALA B 57 9.77 -11.94 -3.35
N ALA B 58 10.15 -11.33 -4.47
CA ALA B 58 9.29 -11.31 -5.65
C ALA B 58 10.01 -10.86 -6.91
N TYR B 59 9.35 -11.05 -8.05
CA TYR B 59 9.90 -10.65 -9.33
C TYR B 59 8.76 -10.10 -10.19
N PRO B 60 8.22 -8.93 -9.81
CA PRO B 60 7.14 -8.36 -10.63
C PRO B 60 7.74 -8.21 -12.02
N ALA B 61 6.98 -8.52 -13.06
CA ALA B 61 7.55 -8.45 -14.40
C ALA B 61 6.53 -8.46 -15.53
N ILE B 62 7.06 -8.28 -16.75
CA ILE B 62 6.26 -8.31 -17.97
C ILE B 62 6.97 -9.33 -18.86
N TYR B 63 6.23 -10.18 -19.56
CA TYR B 63 6.89 -11.17 -20.39
C TYR B 63 6.20 -11.47 -21.71
N PHE B 64 6.96 -12.11 -22.58
CA PHE B 64 6.53 -12.52 -23.90
C PHE B 64 6.77 -14.03 -23.95
N GLY B 65 5.74 -14.79 -24.27
CA GLY B 65 5.90 -16.23 -24.34
C GLY B 65 5.10 -17.01 -23.30
N CYS B 66 5.69 -18.06 -22.77
CA CYS B 66 5.02 -18.92 -21.79
C CYS B 66 5.75 -19.01 -20.46
N HIS B 67 5.10 -18.51 -19.42
CA HIS B 67 5.64 -18.48 -18.07
C HIS B 67 4.89 -19.54 -17.25
N TRP B 68 5.56 -20.66 -16.97
CA TRP B 68 4.95 -21.74 -16.21
C TRP B 68 3.62 -22.13 -16.82
N GLY B 69 3.60 -22.33 -18.14
CA GLY B 69 2.39 -22.74 -18.81
C GLY B 69 1.47 -21.63 -19.29
N ALA B 70 1.51 -20.48 -18.62
CA ALA B 70 0.66 -19.35 -18.99
C ALA B 70 1.32 -18.59 -20.13
N CYS B 71 0.83 -18.83 -21.35
CA CYS B 71 1.39 -18.18 -22.53
C CYS B 71 0.65 -16.94 -22.95
N THR B 72 1.39 -16.01 -23.54
CA THR B 72 0.83 -14.78 -24.06
C THR B 72 0.15 -15.19 -25.38
N SER B 73 -0.41 -14.23 -26.11
CA SER B 73 -1.11 -14.55 -27.36
C SER B 73 -0.21 -14.59 -28.60
N ASN B 74 -0.28 -15.69 -29.33
N ASN B 74 -0.27 -15.69 -29.32
CA ASN B 74 0.49 -15.87 -30.57
CA ASN B 74 0.49 -15.88 -30.56
C ASN B 74 1.94 -15.38 -30.48
C ASN B 74 1.94 -15.39 -30.48
N SER B 75 2.68 -15.86 -29.49
CA SER B 75 4.09 -15.47 -29.30
C SER B 75 5.02 -16.19 -30.27
N GLY B 76 4.61 -17.38 -30.69
CA GLY B 76 5.44 -18.17 -31.59
C GLY B 76 6.35 -19.04 -30.76
N LEU B 77 6.19 -18.95 -29.44
CA LEU B 77 6.99 -19.74 -28.49
C LEU B 77 6.10 -20.73 -27.76
N PRO B 78 6.68 -21.82 -27.24
CA PRO B 78 8.11 -22.14 -27.28
C PRO B 78 8.62 -22.60 -28.65
N ARG B 79 9.92 -22.40 -28.88
CA ARG B 79 10.57 -22.79 -30.12
C ARG B 79 12.02 -23.12 -29.80
N ARG B 80 12.57 -24.14 -30.47
CA ARG B 80 13.95 -24.55 -30.25
C ARG B 80 14.91 -23.41 -30.57
N VAL B 81 15.94 -23.25 -29.76
CA VAL B 81 16.95 -22.21 -29.96
C VAL B 81 17.54 -22.30 -31.37
N GLN B 82 17.78 -23.53 -31.82
CA GLN B 82 18.36 -23.76 -33.15
C GLN B 82 17.43 -23.37 -34.29
N GLU B 83 16.18 -23.02 -33.95
CA GLU B 83 15.22 -22.62 -34.97
C GLU B 83 14.97 -21.12 -34.96
N LEU B 84 15.75 -20.41 -34.16
CA LEU B 84 15.62 -18.96 -34.04
C LEU B 84 16.73 -18.27 -34.82
N SER B 85 16.38 -17.24 -35.59
CA SER B 85 17.38 -16.52 -36.36
C SER B 85 17.65 -15.19 -35.68
N ASP B 86 16.70 -14.74 -34.88
CA ASP B 86 16.88 -13.47 -34.19
C ASP B 86 15.89 -13.23 -33.06
N VAL B 87 16.36 -12.61 -32.00
CA VAL B 87 15.52 -12.28 -30.85
C VAL B 87 15.92 -10.88 -30.39
N ARG B 88 14.95 -9.97 -30.42
CA ARG B 88 15.18 -8.58 -30.05
C ARG B 88 14.29 -8.10 -28.91
N THR B 89 14.76 -7.11 -28.14
CA THR B 89 13.97 -6.57 -27.06
C THR B 89 14.32 -5.11 -26.78
N SER B 90 13.36 -4.39 -26.22
CA SER B 90 13.55 -2.99 -25.84
C SER B 90 12.93 -2.82 -24.47
N TRP B 91 13.46 -1.91 -23.67
CA TRP B 91 12.94 -1.69 -22.33
C TRP B 91 13.52 -0.43 -21.71
N THR B 92 12.71 0.24 -20.90
CA THR B 92 13.16 1.43 -20.18
C THR B 92 12.78 1.21 -18.72
N LEU B 93 13.77 1.24 -17.85
CA LEU B 93 13.55 1.04 -16.43
C LEU B 93 13.81 2.33 -15.68
N THR B 94 13.11 2.51 -14.55
CA THR B 94 13.29 3.68 -13.71
C THR B 94 13.83 3.21 -12.37
N PRO B 95 15.12 3.42 -12.12
CA PRO B 95 15.76 3.00 -10.87
C PRO B 95 15.35 3.86 -9.66
N ILE B 96 15.72 3.40 -8.47
CA ILE B 96 15.45 4.13 -7.25
C ILE B 96 16.71 4.09 -6.41
N THR B 97 16.82 5.00 -5.45
CA THR B 97 18.01 5.08 -4.61
C THR B 97 18.04 4.17 -3.39
N THR B 98 16.90 3.58 -3.03
CA THR B 98 16.88 2.71 -1.87
C THR B 98 16.32 1.31 -2.12
N GLY B 99 16.73 0.37 -1.29
CA GLY B 99 16.26 -0.99 -1.41
C GLY B 99 17.31 -1.96 -1.93
N ARG B 100 16.98 -3.24 -1.86
CA ARG B 100 17.86 -4.31 -2.31
C ARG B 100 17.13 -4.97 -3.49
N TRP B 101 17.53 -4.60 -4.70
CA TRP B 101 16.86 -5.13 -5.90
C TRP B 101 17.70 -4.97 -7.16
N ASN B 102 17.24 -5.59 -8.23
CA ASN B 102 17.89 -5.48 -9.51
C ASN B 102 16.83 -5.25 -10.58
N ALA B 103 17.26 -4.80 -11.75
CA ALA B 103 16.38 -4.56 -12.89
C ALA B 103 16.99 -5.48 -13.93
N ALA B 104 16.36 -6.62 -14.18
CA ALA B 104 16.95 -7.56 -15.12
C ALA B 104 15.97 -8.44 -15.88
N TYR B 105 16.45 -8.94 -17.03
CA TYR B 105 15.68 -9.85 -17.87
C TYR B 105 15.82 -11.25 -17.29
N ASP B 106 14.80 -12.06 -17.49
CA ASP B 106 14.77 -13.44 -17.02
C ASP B 106 14.23 -14.21 -18.23
N ILE B 107 15.07 -15.04 -18.83
CA ILE B 107 14.70 -15.80 -20.03
C ILE B 107 14.76 -17.29 -19.73
N TRP B 108 13.66 -17.99 -19.98
CA TRP B 108 13.57 -19.42 -19.69
C TRP B 108 13.63 -20.38 -20.85
N PHE B 109 14.34 -21.48 -20.62
CA PHE B 109 14.50 -22.53 -21.63
C PHE B 109 14.33 -23.88 -20.95
N SER B 110 13.96 -24.89 -21.72
CA SER B 110 13.80 -26.25 -21.21
C SER B 110 13.79 -27.21 -22.40
N PRO B 111 14.07 -28.52 -22.18
CA PRO B 111 14.09 -29.53 -23.25
C PRO B 111 12.72 -29.84 -23.85
N VAL B 112 11.67 -29.49 -23.13
CA VAL B 112 10.30 -29.76 -23.59
C VAL B 112 9.44 -28.52 -23.79
N THR B 113 8.34 -28.70 -24.53
CA THR B 113 7.41 -27.62 -24.83
C THR B 113 6.46 -27.29 -23.68
N ASN B 114 6.32 -28.20 -22.74
CA ASN B 114 5.44 -28.00 -21.60
C ASN B 114 6.19 -27.39 -20.41
N SER B 115 5.75 -26.23 -19.95
CA SER B 115 6.40 -25.58 -18.82
C SER B 115 5.47 -25.42 -17.62
N GLY B 116 4.33 -26.11 -17.65
CA GLY B 116 3.39 -26.02 -16.56
C GLY B 116 4.01 -26.27 -15.20
N ASN B 117 5.10 -27.03 -15.20
CA ASN B 117 5.79 -27.37 -13.95
C ASN B 117 7.21 -26.80 -13.88
N GLY B 118 7.45 -25.71 -14.60
CA GLY B 118 8.77 -25.11 -14.56
C GLY B 118 9.68 -25.48 -15.71
N TYR B 119 10.98 -25.27 -15.49
CA TYR B 119 11.97 -25.54 -16.52
C TYR B 119 13.14 -26.37 -16.02
N SER B 120 12.84 -27.33 -15.16
CA SER B 120 13.86 -28.22 -14.61
C SER B 120 14.62 -28.84 -15.77
N GLY B 121 15.94 -28.94 -15.63
CA GLY B 121 16.74 -29.53 -16.69
C GLY B 121 16.99 -28.60 -17.85
N GLY B 122 16.51 -27.37 -17.75
CA GLY B 122 16.70 -26.40 -18.81
C GLY B 122 17.70 -25.33 -18.43
N ALA B 123 17.34 -24.07 -18.68
CA ALA B 123 18.23 -22.98 -18.34
C ALA B 123 17.48 -21.69 -18.10
N GLU B 124 18.12 -20.80 -17.36
CA GLU B 124 17.58 -19.50 -17.05
C GLU B 124 18.68 -18.51 -17.38
N LEU B 125 18.43 -17.63 -18.34
CA LEU B 125 19.42 -16.65 -18.72
C LEU B 125 18.94 -15.27 -18.28
N MET B 126 19.71 -14.64 -17.40
CA MET B 126 19.35 -13.32 -16.91
C MET B 126 20.29 -12.27 -17.46
N ILE B 127 19.78 -11.04 -17.59
CA ILE B 127 20.57 -9.94 -18.08
C ILE B 127 20.33 -8.78 -17.11
N TRP B 128 21.29 -8.56 -16.22
CA TRP B 128 21.23 -7.52 -15.20
C TRP B 128 21.61 -6.17 -15.80
N LEU B 129 20.69 -5.21 -15.72
CA LEU B 129 20.91 -3.88 -16.27
C LEU B 129 21.14 -2.82 -15.21
N ASN B 130 20.45 -2.95 -14.09
CA ASN B 130 20.60 -2.00 -12.99
C ASN B 130 20.35 -2.72 -11.67
N TRP B 131 20.71 -2.10 -10.55
CA TRP B 131 20.56 -2.74 -9.26
C TRP B 131 20.86 -1.76 -8.12
N ASN B 132 20.70 -2.24 -6.88
CA ASN B 132 20.96 -1.41 -5.70
C ASN B 132 20.88 -2.25 -4.43
N GLY B 133 21.63 -1.84 -3.42
CA GLY B 133 21.63 -2.56 -2.15
C GLY B 133 22.70 -3.63 -2.05
N GLY B 134 23.65 -3.62 -2.98
CA GLY B 134 24.72 -4.60 -2.95
C GLY B 134 24.33 -6.02 -3.32
N VAL B 135 23.22 -6.18 -4.03
CA VAL B 135 22.77 -7.51 -4.45
C VAL B 135 23.73 -8.08 -5.49
N MET B 136 23.84 -9.40 -5.56
CA MET B 136 24.75 -10.05 -6.50
C MET B 136 24.10 -11.22 -7.25
N PRO B 137 24.63 -11.56 -8.44
CA PRO B 137 24.07 -12.66 -9.23
C PRO B 137 24.34 -13.99 -8.52
N GLY B 138 23.76 -15.08 -9.03
CA GLY B 138 23.97 -16.37 -8.41
C GLY B 138 25.25 -17.00 -8.94
N GLY B 139 25.70 -18.07 -8.29
CA GLY B 139 26.91 -18.76 -8.71
C GLY B 139 28.14 -17.90 -8.58
N SER B 140 29.01 -17.94 -9.59
CA SER B 140 30.22 -17.12 -9.57
C SER B 140 30.58 -16.60 -10.96
N ARG B 141 31.32 -15.50 -11.00
CA ARG B 141 31.74 -14.90 -12.25
C ARG B 141 32.78 -15.74 -12.97
N VAL B 142 32.36 -16.42 -14.02
CA VAL B 142 33.25 -17.29 -14.78
C VAL B 142 33.93 -16.60 -15.96
N ALA B 143 33.52 -15.37 -16.27
CA ALA B 143 34.12 -14.67 -17.39
C ALA B 143 33.55 -13.29 -17.59
N THR B 144 34.14 -12.58 -18.55
CA THR B 144 33.73 -11.25 -18.92
C THR B 144 33.61 -11.32 -20.44
N VAL B 145 32.58 -10.71 -21.00
CA VAL B 145 32.39 -10.78 -22.44
C VAL B 145 31.69 -9.59 -23.08
N GLU B 146 32.04 -9.29 -24.32
N GLU B 146 32.05 -9.28 -24.32
CA GLU B 146 31.44 -8.18 -25.06
CA GLU B 146 31.43 -8.20 -25.06
C GLU B 146 30.30 -8.75 -25.90
C GLU B 146 30.29 -8.77 -25.88
N LEU B 147 29.09 -8.24 -25.68
CA LEU B 147 27.92 -8.71 -26.41
C LEU B 147 26.94 -7.58 -26.58
N ALA B 148 26.22 -7.61 -27.70
CA ALA B 148 25.18 -6.63 -28.01
C ALA B 148 25.56 -5.17 -27.79
N GLY B 149 26.84 -4.84 -27.91
CA GLY B 149 27.26 -3.46 -27.76
C GLY B 149 27.64 -3.04 -26.36
N ALA B 150 27.98 -4.01 -25.51
CA ALA B 150 28.39 -3.70 -24.15
C ALA B 150 29.24 -4.83 -23.59
N THR B 151 29.72 -4.63 -22.37
CA THR B 151 30.56 -5.61 -21.69
C THR B 151 29.77 -6.22 -20.55
N TRP B 152 29.85 -7.54 -20.41
CA TRP B 152 29.09 -8.21 -19.37
C TRP B 152 29.89 -9.18 -18.54
N GLU B 153 29.56 -9.23 -17.25
CA GLU B 153 30.19 -10.17 -16.34
C GLU B 153 29.33 -11.39 -16.55
N VAL B 154 29.96 -12.54 -16.77
CA VAL B 154 29.19 -13.77 -16.97
C VAL B 154 29.20 -14.57 -15.68
N TRP B 155 28.02 -14.80 -15.12
CA TRP B 155 27.89 -15.56 -13.90
C TRP B 155 27.17 -16.87 -14.22
N TYR B 156 27.68 -17.97 -13.67
CA TYR B 156 27.10 -19.28 -13.90
C TYR B 156 26.92 -20.07 -12.60
N ALA B 157 25.80 -20.78 -12.52
CA ALA B 157 25.51 -21.61 -11.37
C ALA B 157 24.79 -22.84 -11.93
N ASP B 158 25.24 -24.01 -11.50
CA ASP B 158 24.66 -25.27 -11.97
C ASP B 158 23.64 -25.80 -10.98
N TRP B 159 22.40 -25.32 -11.10
CA TRP B 159 21.30 -25.75 -10.23
C TRP B 159 20.45 -26.78 -10.98
N ASP B 160 19.19 -26.91 -10.58
N ASP B 160 19.18 -26.89 -10.58
CA ASP B 160 18.29 -27.87 -11.23
CA ASP B 160 18.26 -27.83 -11.21
C ASP B 160 18.20 -27.52 -12.71
C ASP B 160 18.16 -27.50 -12.69
N TRP B 161 18.64 -26.32 -13.04
CA TRP B 161 18.65 -25.84 -14.42
C TRP B 161 19.87 -24.92 -14.47
N ASN B 162 20.46 -24.76 -15.65
CA ASN B 162 21.62 -23.89 -15.78
C ASN B 162 21.23 -22.43 -15.58
N TYR B 163 21.95 -21.76 -14.69
CA TYR B 163 21.69 -20.35 -14.42
C TYR B 163 22.81 -19.50 -15.01
N ILE B 164 22.46 -18.66 -15.98
CA ILE B 164 23.45 -17.78 -16.60
C ILE B 164 22.97 -16.36 -16.42
N ALA B 165 23.80 -15.52 -15.80
CA ALA B 165 23.45 -14.13 -15.58
C ALA B 165 24.52 -13.24 -16.18
N TYR B 166 24.12 -12.39 -17.11
CA TYR B 166 25.04 -11.45 -17.73
C TYR B 166 24.79 -10.13 -17.04
N ARG B 167 25.75 -9.71 -16.22
CA ARG B 167 25.64 -8.46 -15.50
C ARG B 167 26.49 -7.38 -16.17
N ARG B 168 25.83 -6.31 -16.61
CA ARG B 168 26.51 -5.22 -17.28
C ARG B 168 27.59 -4.68 -16.33
N THR B 169 28.76 -4.35 -16.89
CA THR B 169 29.86 -3.85 -16.07
C THR B 169 29.55 -2.45 -15.53
N THR B 170 28.56 -1.79 -16.10
CA THR B 170 28.15 -0.47 -15.66
C THR B 170 26.62 -0.41 -15.77
N PRO B 171 25.95 0.20 -14.80
CA PRO B 171 24.48 0.30 -14.81
C PRO B 171 23.97 1.04 -16.04
N THR B 172 22.70 0.82 -16.38
CA THR B 172 22.07 1.47 -17.50
C THR B 172 20.57 1.52 -17.19
N THR B 173 19.83 2.37 -17.89
CA THR B 173 18.41 2.44 -17.62
C THR B 173 17.56 2.05 -18.83
N SER B 174 18.19 1.70 -19.95
CA SER B 174 17.40 1.30 -21.10
C SER B 174 18.18 0.61 -22.22
N VAL B 175 17.48 -0.22 -22.97
CA VAL B 175 18.06 -0.92 -24.11
C VAL B 175 17.05 -0.79 -25.25
N SER B 176 17.57 -0.58 -26.45
CA SER B 176 16.71 -0.46 -27.62
C SER B 176 17.18 -1.49 -28.62
N GLU B 177 16.29 -2.41 -28.97
CA GLU B 177 16.59 -3.46 -29.92
C GLU B 177 17.84 -4.25 -29.53
N LEU B 178 17.92 -4.60 -28.23
CA LEU B 178 19.03 -5.37 -27.69
C LEU B 178 19.00 -6.74 -28.35
N ASP B 179 20.17 -7.19 -28.82
CA ASP B 179 20.27 -8.48 -29.49
C ASP B 179 20.38 -9.65 -28.49
N LEU B 180 19.22 -10.14 -28.05
CA LEU B 180 19.17 -11.25 -27.11
C LEU B 180 19.78 -12.53 -27.68
N LYS B 181 19.67 -12.70 -29.00
N LYS B 181 19.67 -12.69 -29.00
CA LYS B 181 20.22 -13.88 -29.65
CA LYS B 181 20.21 -13.85 -29.68
C LYS B 181 21.73 -13.94 -29.39
C LYS B 181 21.73 -13.94 -29.42
N ALA B 182 22.36 -12.77 -29.29
CA ALA B 182 23.80 -12.70 -29.04
C ALA B 182 24.11 -13.35 -27.70
N PHE B 183 23.25 -13.09 -26.70
CA PHE B 183 23.44 -13.68 -25.38
C PHE B 183 23.18 -15.18 -25.40
N ILE B 184 22.09 -15.58 -26.06
CA ILE B 184 21.72 -16.97 -26.17
C ILE B 184 22.86 -17.76 -26.83
N ASP B 185 23.40 -17.23 -27.93
CA ASP B 185 24.50 -17.89 -28.62
C ASP B 185 25.72 -18.02 -27.72
N ASP B 186 25.99 -16.98 -26.93
CA ASP B 186 27.14 -17.03 -26.02
C ASP B 186 26.92 -18.14 -25.00
N ALA B 187 25.68 -18.25 -24.52
CA ALA B 187 25.34 -19.28 -23.54
C ALA B 187 25.46 -20.66 -24.16
N VAL B 188 25.08 -20.77 -25.43
CA VAL B 188 25.18 -22.05 -26.12
C VAL B 188 26.64 -22.43 -26.30
N ALA B 189 27.46 -21.48 -26.74
CA ALA B 189 28.88 -21.71 -26.95
C ALA B 189 29.55 -22.17 -25.66
N ARG B 190 29.14 -21.60 -24.53
CA ARG B 190 29.71 -22.00 -23.25
C ARG B 190 29.15 -23.35 -22.79
N GLY B 191 28.22 -23.90 -23.57
CA GLY B 191 27.63 -25.18 -23.21
C GLY B 191 26.62 -25.09 -22.09
N TYR B 192 26.13 -23.89 -21.81
CA TYR B 192 25.15 -23.70 -20.74
C TYR B 192 23.72 -23.95 -21.24
N ILE B 193 23.55 -23.85 -22.56
CA ILE B 193 22.26 -24.07 -23.18
C ILE B 193 22.44 -24.94 -24.42
N ARG B 194 21.60 -25.97 -24.55
CA ARG B 194 21.69 -26.84 -25.72
C ARG B 194 20.82 -26.20 -26.80
N PRO B 195 21.30 -26.18 -28.04
CA PRO B 195 20.53 -25.58 -29.14
C PRO B 195 19.17 -26.23 -29.43
N GLU B 196 18.99 -27.48 -29.01
CA GLU B 196 17.73 -28.17 -29.27
C GLU B 196 16.69 -27.83 -28.18
N TRP B 197 17.11 -27.09 -27.17
CA TRP B 197 16.20 -26.72 -26.09
C TRP B 197 15.28 -25.62 -26.59
N TYR B 198 14.08 -25.56 -26.00
CA TYR B 198 13.10 -24.55 -26.39
C TYR B 198 13.22 -23.26 -25.60
N LEU B 199 13.04 -22.15 -26.31
CA LEU B 199 13.02 -20.84 -25.66
C LEU B 199 11.55 -20.71 -25.28
N HIS B 200 11.27 -20.57 -24.00
CA HIS B 200 9.88 -20.48 -23.54
C HIS B 200 9.36 -19.08 -23.37
N ALA B 201 10.17 -18.22 -22.75
CA ALA B 201 9.74 -16.87 -22.48
C ALA B 201 10.86 -15.87 -22.26
N VAL B 202 10.59 -14.64 -22.66
CA VAL B 202 11.52 -13.55 -22.48
C VAL B 202 10.79 -12.62 -21.50
N GLU B 203 11.39 -12.40 -20.34
CA GLU B 203 10.76 -11.54 -19.34
C GLU B 203 11.76 -10.53 -18.81
N THR B 204 11.25 -9.45 -18.23
CA THR B 204 12.09 -8.47 -17.59
C THR B 204 11.28 -7.83 -16.47
N GLY B 205 11.97 -7.42 -15.42
CA GLY B 205 11.27 -6.82 -14.30
C GLY B 205 12.26 -6.53 -13.19
N PHE B 206 11.84 -6.75 -11.96
CA PHE B 206 12.71 -6.48 -10.83
C PHE B 206 12.71 -7.55 -9.75
N GLU B 207 13.87 -8.14 -9.49
CA GLU B 207 13.97 -9.12 -8.42
C GLU B 207 13.99 -8.26 -7.16
N LEU B 208 13.08 -8.53 -6.24
CA LEU B 208 13.00 -7.74 -5.02
C LEU B 208 13.39 -8.50 -3.77
N TRP B 209 14.43 -8.00 -3.09
CA TRP B 209 14.92 -8.58 -1.86
C TRP B 209 14.36 -7.76 -0.71
N GLU B 210 14.58 -6.45 -0.78
CA GLU B 210 14.11 -5.53 0.24
C GLU B 210 13.60 -4.22 -0.38
N GLY B 211 12.31 -3.93 -0.16
CA GLY B 211 11.73 -2.71 -0.70
C GLY B 211 11.34 -2.81 -2.16
N GLY B 212 11.69 -1.77 -2.93
CA GLY B 212 11.37 -1.77 -4.35
C GLY B 212 10.43 -0.69 -4.82
N ALA B 213 9.55 -0.22 -3.94
CA ALA B 213 8.58 0.83 -4.30
C ALA B 213 9.22 1.97 -5.08
N GLY B 214 8.61 2.34 -6.19
CA GLY B 214 9.14 3.42 -7.00
C GLY B 214 9.72 2.94 -8.33
N LEU B 215 10.10 1.67 -8.38
CA LEU B 215 10.67 1.09 -9.60
C LEU B 215 9.59 1.04 -10.69
N ARG B 216 9.98 1.41 -11.91
CA ARG B 216 9.05 1.39 -13.02
C ARG B 216 9.60 0.70 -14.26
N SER B 217 8.73 -0.07 -14.89
CA SER B 217 9.05 -0.82 -16.10
C SER B 217 8.21 -0.20 -17.23
N ALA B 218 8.86 0.11 -18.35
CA ALA B 218 8.16 0.72 -19.49
C ALA B 218 8.78 0.39 -20.85
N ASP B 219 8.03 0.69 -21.91
CA ASP B 219 8.46 0.50 -23.30
C ASP B 219 8.93 -0.92 -23.64
N PHE B 220 8.33 -1.91 -23.01
CA PHE B 220 8.71 -3.28 -23.26
C PHE B 220 8.31 -3.76 -24.65
N SER B 221 9.24 -4.46 -25.29
CA SER B 221 8.98 -5.02 -26.61
C SER B 221 9.87 -6.23 -26.83
N VAL B 222 9.29 -7.29 -27.38
CA VAL B 222 10.07 -8.47 -27.68
C VAL B 222 9.62 -9.00 -29.04
N THR B 223 10.60 -9.33 -29.88
CA THR B 223 10.30 -9.90 -31.19
C THR B 223 11.22 -11.08 -31.41
N VAL B 224 10.65 -12.11 -32.04
CA VAL B 224 11.37 -13.32 -32.34
C VAL B 224 11.17 -13.61 -33.81
N GLN B 225 12.23 -14.03 -34.48
CA GLN B 225 12.17 -14.35 -35.90
C GLN B 225 12.74 -15.76 -36.04
N LYS B 226 12.01 -16.66 -36.68
CA LYS B 226 12.49 -18.03 -36.84
C LYS B 226 13.32 -18.17 -38.12
N LEU B 227 13.99 -19.31 -38.27
CA LEU B 227 14.80 -19.55 -39.46
C LEU B 227 13.93 -20.11 -40.59
C1 GLC C . -13.09 18.26 11.17
C2 GLC C . -14.12 18.66 10.10
C3 GLC C . -15.19 17.56 9.96
C4 GLC C . -14.53 16.20 9.77
C5 GLC C . -13.48 15.93 10.85
C6 GLC C . -12.72 14.64 10.61
O1 GLC C . -12.08 19.21 11.21
O2 GLC C . -14.74 19.88 10.47
O3 GLC C . -16.02 17.85 8.84
O4 GLC C . -15.53 15.16 9.79
O5 GLC C . -12.51 17.00 10.85
O6 GLC C . -11.79 14.76 9.54
C2 BGC C . -16.41 13.20 8.72
C3 BGC C . -16.81 12.66 7.36
C4 BGC C . -17.68 13.65 6.60
C5 BGC C . -16.99 15.03 6.52
C6 BGC C . -17.81 16.11 5.85
C1 BGC C . -15.80 14.61 8.56
O2 BGC C . -15.45 12.34 9.32
O3 BGC C . -17.55 11.46 7.51
O4 BGC C . -17.96 13.12 5.29
O5 BGC C . -16.70 15.47 7.86
O6 BGC C . -18.36 17.03 6.81
C2 BGC C . -19.55 13.26 3.55
C3 BGC C . -20.97 12.89 3.11
C4 BGC C . -21.26 11.44 3.45
C5 BGC C . -21.00 11.18 4.92
C6 BGC C . -21.22 9.73 5.27
C1 BGC C . -19.29 12.90 5.00
O2 BGC C . -19.34 14.65 3.37
O3 BGC C . -21.08 13.08 1.70
O4 BGC C . -22.62 11.16 3.14
O5 BGC C . -19.62 11.51 5.25
O6 BGC C . -20.01 9.01 5.24
C2 BGC D . 15.67 -17.73 -9.34
C2 BGC D . 15.59 -17.70 -9.90
C3 BGC D . 14.48 -17.97 -10.27
C3 BGC D . 14.21 -18.02 -10.44
C4 BGC D . 13.50 -16.82 -10.13
C4 BGC D . 13.28 -16.81 -10.32
C5 BGC D . 14.23 -15.55 -10.52
C5 BGC D . 13.93 -15.54 -10.89
C6 BGC D . 13.32 -14.34 -10.54
C6 BGC D . 13.13 -14.30 -10.57
C1 BGC D . 16.28 -16.31 -9.45
C1 BGC D . 16.13 -16.44 -10.58
O1 BGC D . 17.37 -16.12 -10.05
O2 BGC D . 16.68 -18.69 -9.62
O2 BGC D . 16.47 -18.79 -10.14
O3 BGC D . 13.84 -19.19 -9.94
O3 BGC D . 13.65 -19.12 -9.73
O4 BGC D . 12.34 -17.03 -10.95
O4 BGC D . 12.06 -17.08 -11.05
O5 BGC D . 15.25 -15.29 -9.54
O5 BGC D . 15.24 -15.35 -10.32
O6 BGC D . 13.06 -13.87 -9.22
O6 BGC D . 13.24 -13.97 -9.19
C2 BGC D . 9.96 -16.90 -11.16
C2 BGC D . 9.68 -16.97 -11.17
C3 BGC D . 8.65 -17.27 -10.46
C3 BGC D . 8.41 -17.33 -10.42
C4 BGC D . 8.68 -18.74 -10.03
C4 BGC D . 8.45 -18.80 -10.01
C5 BGC D . 9.91 -18.97 -9.15
C5 BGC D . 9.70 -19.04 -9.17
C6 BGC D . 10.06 -20.41 -8.69
C6 BGC D . 9.86 -20.49 -8.74
C1 BGC D . 11.15 -17.24 -10.27
C1 BGC D . 10.91 -17.30 -10.30
O2 BGC D . 9.97 -15.51 -11.46
O2 BGC D . 9.69 -15.59 -11.49
O3 BGC D . 7.57 -17.04 -11.35
O3 BGC D . 7.30 -17.09 -11.26
O4 BGC D . 7.48 -19.06 -9.29
O4 BGC D . 7.27 -19.16 -9.26
O5 BGC D . 11.11 -18.63 -9.88
O5 BGC D . 10.89 -18.68 -9.92
O6 BGC D . 11.13 -21.06 -9.36
O6 BGC D . 11.09 -21.04 -9.20
C2 BGC D . 5.58 -20.52 -9.13
C2 BGC D . 5.36 -20.58 -9.09
C3 BGC D . 4.39 -21.07 -9.93
C3 BGC D . 4.19 -21.15 -9.89
C4 BGC D . 3.61 -19.94 -10.59
C4 BGC D . 3.42 -20.02 -10.60
C5 BGC D . 4.57 -19.05 -11.40
C5 BGC D . 4.38 -19.12 -11.39
C6 BGC D . 3.87 -17.83 -11.98
C6 BGC D . 3.69 -17.91 -11.98
C1 BGC D . 6.44 -19.64 -10.03
C1 BGC D . 6.23 -19.71 -9.99
O2 BGC D . 6.36 -21.60 -8.62
O2 BGC D . 6.14 -21.65 -8.55
O3 BGC D . 3.52 -21.79 -9.05
O3 BGC D . 3.31 -21.85 -9.03
O4 BGC D . 2.63 -20.47 -11.46
O4 BGC D . 2.46 -20.58 -11.48
O5 BGC D . 5.64 -18.57 -10.56
O5 BGC D . 5.44 -18.65 -10.54
O6 BGC D . 3.69 -16.82 -10.99
O6 BGC D . 3.69 -16.82 -11.06
C1 GOL E . -9.72 28.39 9.26
O1 GOL E . -8.57 27.50 8.57
C2 GOL E . -10.59 27.93 10.25
O2 GOL E . -10.24 26.72 10.69
C3 GOL E . -11.44 28.77 10.47
O3 GOL E . -12.28 30.09 10.39
C1 GOL F . -3.13 23.61 8.92
O1 GOL F . -2.61 23.50 10.43
C2 GOL F . -3.57 22.54 8.15
O2 GOL F . -4.79 22.13 8.54
C3 GOL F . -2.73 22.25 7.34
O3 GOL F . -1.40 22.30 6.53
C1 GOL G . -10.20 21.66 10.64
C1 GOL G . -10.72 19.76 9.81
O1 GOL G . -9.08 22.61 9.97
O1 GOL G . -11.61 19.86 8.46
C2 GOL G . -10.25 20.27 10.55
C2 GOL G . -10.31 20.83 10.60
O2 GOL G . -10.76 19.88 9.37
O2 GOL G . -10.60 22.02 10.01
C3 GOL G . -9.84 19.77 11.57
C3 GOL G . -9.79 20.42 11.60
O3 GOL G . -9.23 19.64 12.99
O3 GOL G . -9.25 19.42 12.68
C1 GOL H . -12.15 -1.86 -1.95
O1 GOL H . -13.73 -1.85 -1.60
C2 GOL H . -11.34 -2.99 -2.04
O2 GOL H . -11.17 -3.38 -3.32
C3 GOL H . -10.99 -3.33 -0.95
O3 GOL H . -10.82 -3.34 0.60
C1 GOL I . 1.91 13.16 31.54
O1 GOL I . 0.36 12.91 31.19
C2 GOL I . 2.77 14.05 30.91
O2 GOL I . 3.55 14.71 31.81
C3 GOL I . 2.61 14.01 29.72
O3 GOL I . 2.03 13.57 28.34
S SO4 J . -11.24 30.41 30.55
O1 SO4 J . -12.06 30.69 29.36
O2 SO4 J . -11.96 30.77 31.77
O3 SO4 J . -10.92 28.97 30.59
O4 SO4 J . -10.01 31.20 30.46
C1 GOL K . 25.31 -19.82 -5.62
O1 GOL K . 25.52 -21.27 -6.29
C2 GOL K . 24.09 -19.28 -5.24
O2 GOL K . 23.08 -20.13 -5.47
C3 GOL K . 24.27 -18.17 -4.77
O3 GOL K . 24.99 -16.87 -4.29
C1 GOL L . 19.89 -14.38 -8.25
O1 GOL L . 19.59 -13.63 -9.68
C2 GOL L . 19.04 -15.21 -7.49
O2 GOL L . 17.71 -15.06 -7.85
C3 GOL L . 19.70 -15.88 -6.81
O3 GOL L . 21.01 -16.50 -6.14
C1 GLC M . 20.63 -15.46 -6.50
C2 GLC M . 20.50 -14.76 -7.85
C3 GLC M . 19.04 -14.79 -8.32
C4 GLC M . 18.40 -16.19 -8.22
C5 GLC M . 18.75 -16.87 -6.87
C6 GLC M . 18.37 -18.33 -6.82
O1 GLC M . 21.95 -15.48 -6.10
O2 GLC M . 20.94 -13.41 -7.73
O3 GLC M . 18.98 -14.35 -9.67
O4 GLC M . 16.96 -16.03 -8.27
O5 GLC M . 20.18 -16.81 -6.62
O6 GLC M . 19.03 -19.01 -5.78
C1 GOL N . 23.35 -6.04 -34.12
O1 GOL N . 22.81 -5.25 -35.42
C2 GOL N . 23.35 -5.54 -32.81
O2 GOL N . 22.73 -4.36 -32.73
C3 GOL N . 23.92 -6.32 -32.07
O3 GOL N . 24.69 -7.58 -31.58
#